data_8BJN
#
_entry.id   8BJN
#
_cell.length_a   82.509
_cell.length_b   112.272
_cell.length_c   62.568
_cell.angle_alpha   90.00
_cell.angle_beta   90.00
_cell.angle_gamma   90.00
#
_symmetry.space_group_name_H-M   'C 2 2 21'
#
loop_
_entity.id
_entity.type
_entity.pdbx_description
1 polymer '14-3-3 protein sigma'
2 polymer 'Estrogen-related receptor gamma'
3 non-polymer 'MAGNESIUM ION'
4 non-polymer 'CHLORIDE ION'
5 non-polymer 3-bromanyl-4-methanoyl-~{N}-methyl-~{N}-(2-sulfanylethyl)benzamide
6 water water
#
loop_
_entity_poly.entity_id
_entity_poly.type
_entity_poly.pdbx_seq_one_letter_code
_entity_poly.pdbx_strand_id
1 'polypeptide(L)'
;GAMGSMERASLIQKAKLAEQAERYEDMAAFMKGAVEKGEELSNEERNLLSVAYKNVVGGQRAAWRVLSSIEQKSNEEGSE
EKGPEVREYREKVETELQGVCDTVLGLLDSHLIKEAGDAESRVFYLKMKGDYYRYLAEVATGDDKKRIIDSARSAYQEAM
DISKKEMPPTNPIRLGLALNFSVFHYEIANSPEEAISLAKTTFDEAMADLHTLSEDSYKDSTLIMQLLRDNLTLWT
;
A
2 'polypeptide(L)' KRRRK(SEP)CQA(NH2) B
#
loop_
_chem_comp.id
_chem_comp.type
_chem_comp.name
_chem_comp.formula
CL non-polymer 'CHLORIDE ION' 'Cl -1'
MG non-polymer 'MAGNESIUM ION' 'Mg 2'
NH2 non-polymer 'AMINO GROUP' 'H2 N'
QL9 non-polymer 3-bromanyl-4-methanoyl-~{N}-methyl-~{N}-(2-sulfanylethyl)benzamide 'C11 H12 Br N O2 S'
#
# COMPACT_ATOMS: atom_id res chain seq x y z
N GLY A 1 3.24 -23.20 5.90
CA GLY A 1 2.67 -22.91 7.20
C GLY A 1 1.38 -23.66 7.48
N ALA A 2 0.47 -23.02 8.23
CA ALA A 2 -0.82 -23.63 8.54
C ALA A 2 -1.65 -23.88 7.28
N MET A 3 -1.32 -23.25 6.16
CA MET A 3 -2.02 -23.48 4.89
C MET A 3 -1.27 -24.43 3.97
N GLY A 4 -0.19 -25.04 4.44
CA GLY A 4 0.59 -25.93 3.60
C GLY A 4 -0.16 -27.13 3.07
N SER A 5 -1.20 -27.58 3.77
N SER A 5 -1.19 -27.57 3.77
CA SER A 5 -1.95 -28.75 3.33
CA SER A 5 -1.97 -28.74 3.35
C SER A 5 -3.11 -28.41 2.41
C SER A 5 -3.11 -28.41 2.41
N MET A 6 -3.42 -27.14 2.18
CA MET A 6 -4.54 -26.77 1.33
C MET A 6 -4.06 -26.49 -0.09
N GLU A 7 -4.85 -26.94 -1.06
CA GLU A 7 -4.56 -26.71 -2.48
C GLU A 7 -4.51 -25.23 -2.78
N ARG A 8 -3.60 -24.85 -3.68
CA ARG A 8 -3.51 -23.45 -4.11
C ARG A 8 -4.86 -22.93 -4.58
N ALA A 9 -5.56 -23.69 -5.42
CA ALA A 9 -6.82 -23.19 -5.96
C ALA A 9 -7.87 -23.02 -4.88
N SER A 10 -7.86 -23.91 -3.87
CA SER A 10 -8.80 -23.79 -2.75
C SER A 10 -8.50 -22.56 -1.90
N LEU A 11 -7.20 -22.24 -1.72
CA LEU A 11 -6.85 -21.02 -0.99
C LEU A 11 -7.36 -19.78 -1.71
N ILE A 12 -7.22 -19.75 -3.04
N ILE A 12 -7.23 -19.74 -3.04
CA ILE A 12 -7.72 -18.62 -3.82
CA ILE A 12 -7.72 -18.59 -3.79
C ILE A 12 -9.24 -18.52 -3.73
C ILE A 12 -9.25 -18.52 -3.74
N GLN A 13 -9.92 -19.66 -3.88
CA GLN A 13 -11.38 -19.68 -3.75
C GLN A 13 -11.82 -19.17 -2.38
N LYS A 14 -11.15 -19.62 -1.32
CA LYS A 14 -11.52 -19.19 0.02
C LYS A 14 -11.17 -17.73 0.26
N ALA A 15 -10.09 -17.23 -0.34
CA ALA A 15 -9.80 -15.79 -0.22
C ALA A 15 -10.95 -14.97 -0.80
N LYS A 16 -11.52 -15.42 -1.92
CA LYS A 16 -12.62 -14.68 -2.53
C LYS A 16 -13.87 -14.74 -1.65
N LEU A 17 -14.11 -15.90 -1.03
CA LEU A 17 -15.23 -16.01 -0.10
C LEU A 17 -15.01 -15.12 1.12
N ALA A 18 -13.78 -15.12 1.64
CA ALA A 18 -13.47 -14.27 2.79
C ALA A 18 -13.69 -12.79 2.47
N GLU A 19 -13.31 -12.37 1.26
CA GLU A 19 -13.59 -10.99 0.86
C GLU A 19 -15.09 -10.69 0.90
N GLN A 20 -15.92 -11.59 0.34
CA GLN A 20 -17.36 -11.38 0.34
C GLN A 20 -17.91 -11.29 1.75
N ALA A 21 -17.32 -12.02 2.68
CA ALA A 21 -17.76 -12.04 4.07
C ALA A 21 -17.08 -10.97 4.91
N GLU A 22 -16.23 -10.15 4.30
CA GLU A 22 -15.49 -9.10 5.01
C GLU A 22 -14.63 -9.67 6.14
N ARG A 23 -14.06 -10.85 5.90
CA ARG A 23 -13.15 -11.53 6.84
C ARG A 23 -11.73 -11.35 6.31
N TYR A 24 -11.19 -10.15 6.51
CA TYR A 24 -9.94 -9.80 5.84
C TYR A 24 -8.73 -10.47 6.45
N GLU A 25 -8.74 -10.74 7.76
CA GLU A 25 -7.66 -11.53 8.35
C GLU A 25 -7.60 -12.93 7.74
N ASP A 26 -8.76 -13.59 7.60
CA ASP A 26 -8.77 -14.88 6.92
C ASP A 26 -8.28 -14.73 5.48
N MET A 27 -8.80 -13.71 4.78
CA MET A 27 -8.37 -13.46 3.41
C MET A 27 -6.85 -13.39 3.29
N ALA A 28 -6.22 -12.62 4.18
CA ALA A 28 -4.78 -12.46 4.12
C ALA A 28 -4.07 -13.77 4.41
N ALA A 29 -4.57 -14.55 5.37
CA ALA A 29 -3.95 -15.84 5.65
C ALA A 29 -4.07 -16.78 4.46
N PHE A 30 -5.22 -16.80 3.80
CA PHE A 30 -5.36 -17.62 2.60
C PHE A 30 -4.41 -17.18 1.50
N MET A 31 -4.28 -15.86 1.29
CA MET A 31 -3.43 -15.41 0.20
C MET A 31 -1.95 -15.60 0.54
N LYS A 32 -1.56 -15.46 1.81
CA LYS A 32 -0.20 -15.82 2.21
C LYS A 32 0.08 -17.29 1.90
N GLY A 33 -0.87 -18.16 2.23
CA GLY A 33 -0.71 -19.57 1.88
C GLY A 33 -0.56 -19.77 0.38
N ALA A 34 -1.34 -19.03 -0.41
CA ALA A 34 -1.23 -19.16 -1.86
C ALA A 34 0.15 -18.70 -2.35
N VAL A 35 0.65 -17.57 -1.85
CA VAL A 35 1.98 -17.11 -2.26
C VAL A 35 3.02 -18.15 -1.92
N GLU A 36 2.92 -18.74 -0.73
CA GLU A 36 3.92 -19.68 -0.27
C GLU A 36 3.93 -20.99 -1.06
N LYS A 37 2.94 -21.22 -1.92
CA LYS A 37 3.03 -22.35 -2.84
C LYS A 37 4.19 -22.20 -3.81
N GLY A 38 4.70 -20.99 -4.02
CA GLY A 38 5.90 -20.78 -4.80
C GLY A 38 5.67 -20.40 -6.25
N GLU A 39 4.45 -20.47 -6.74
CA GLU A 39 4.17 -20.08 -8.11
C GLU A 39 3.90 -18.58 -8.18
N GLU A 40 4.17 -17.99 -9.34
CA GLU A 40 3.84 -16.60 -9.59
C GLU A 40 2.33 -16.37 -9.47
N LEU A 41 1.94 -15.14 -9.20
CA LEU A 41 0.53 -14.75 -9.06
C LEU A 41 0.03 -14.11 -10.35
N SER A 42 -1.21 -14.40 -10.70
CA SER A 42 -1.88 -13.70 -11.79
C SER A 42 -2.29 -12.28 -11.36
N ASN A 43 -2.78 -11.50 -12.32
CA ASN A 43 -3.25 -10.16 -12.00
C ASN A 43 -4.33 -10.19 -10.93
N GLU A 44 -5.33 -11.06 -11.10
CA GLU A 44 -6.41 -11.16 -10.13
C GLU A 44 -5.89 -11.59 -8.77
N GLU A 45 -4.94 -12.54 -8.74
CA GLU A 45 -4.40 -12.99 -7.46
C GLU A 45 -3.60 -11.90 -6.78
N ARG A 46 -2.85 -11.10 -7.54
CA ARG A 46 -2.13 -9.98 -6.92
C ARG A 46 -3.12 -9.01 -6.29
N ASN A 47 -4.25 -8.77 -6.96
CA ASN A 47 -5.24 -7.87 -6.40
C ASN A 47 -5.84 -8.43 -5.11
N LEU A 48 -6.07 -9.75 -5.05
CA LEU A 48 -6.60 -10.34 -3.83
C LEU A 48 -5.61 -10.21 -2.68
N LEU A 49 -4.33 -10.45 -2.96
CA LEU A 49 -3.29 -10.27 -1.95
C LEU A 49 -3.29 -8.84 -1.42
N SER A 50 -3.35 -7.86 -2.34
CA SER A 50 -3.32 -6.45 -1.95
C SER A 50 -4.53 -6.07 -1.11
N VAL A 51 -5.73 -6.44 -1.57
CA VAL A 51 -6.95 -6.11 -0.83
C VAL A 51 -6.90 -6.66 0.58
N ALA A 52 -6.48 -7.92 0.71
CA ALA A 52 -6.50 -8.57 2.01
C ALA A 52 -5.61 -7.83 3.00
N TYR A 53 -4.34 -7.63 2.64
CA TYR A 53 -3.41 -7.01 3.57
C TYR A 53 -3.68 -5.53 3.76
N LYS A 54 -4.19 -4.84 2.73
CA LYS A 54 -4.46 -3.42 2.92
C LYS A 54 -5.61 -3.22 3.90
N ASN A 55 -6.59 -4.11 3.89
CA ASN A 55 -7.67 -4.02 4.86
C ASN A 55 -7.19 -4.35 6.27
N VAL A 56 -6.38 -5.41 6.42
CA VAL A 56 -5.86 -5.75 7.74
C VAL A 56 -5.04 -4.59 8.30
N VAL A 57 -4.02 -4.15 7.55
CA VAL A 57 -3.18 -3.08 8.05
C VAL A 57 -3.94 -1.78 8.19
N GLY A 58 -4.96 -1.56 7.35
CA GLY A 58 -5.75 -0.35 7.46
C GLY A 58 -6.49 -0.25 8.78
N GLY A 59 -7.04 -1.37 9.24
CA GLY A 59 -7.67 -1.36 10.55
C GLY A 59 -6.66 -1.11 11.65
N GLN A 60 -5.47 -1.69 11.54
CA GLN A 60 -4.45 -1.46 12.56
C GLN A 60 -3.99 -0.01 12.58
N ARG A 61 -3.79 0.58 11.39
CA ARG A 61 -3.34 1.97 11.31
C ARG A 61 -4.38 2.91 11.90
N ALA A 62 -5.65 2.68 11.59
CA ALA A 62 -6.70 3.54 12.15
C ALA A 62 -6.73 3.43 13.66
N ALA A 63 -6.57 2.22 14.20
CA ALA A 63 -6.56 2.03 15.65
C ALA A 63 -5.34 2.69 16.26
N TRP A 64 -4.18 2.55 15.62
CA TRP A 64 -2.96 3.19 16.10
C TRP A 64 -3.12 4.70 16.17
N ARG A 65 -3.77 5.30 15.17
CA ARG A 65 -3.95 6.75 15.17
C ARG A 65 -4.85 7.18 16.32
N VAL A 66 -5.91 6.41 16.61
CA VAL A 66 -6.78 6.73 17.74
C VAL A 66 -5.97 6.70 19.03
N LEU A 67 -5.23 5.62 19.25
CA LEU A 67 -4.45 5.46 20.47
C LEU A 67 -3.33 6.47 20.58
N SER A 68 -2.67 6.79 19.47
N SER A 68 -2.65 6.79 19.47
CA SER A 68 -1.60 7.78 19.49
CA SER A 68 -1.60 7.79 19.51
C SER A 68 -2.14 9.16 19.86
C SER A 68 -2.15 9.16 19.88
N SER A 69 -3.33 9.50 19.38
CA SER A 69 -3.95 10.78 19.74
C SER A 69 -4.24 10.83 21.24
N ILE A 70 -4.79 9.74 21.79
CA ILE A 70 -5.08 9.70 23.22
C ILE A 70 -3.79 9.84 24.01
N GLU A 71 -2.73 9.15 23.58
CA GLU A 71 -1.45 9.21 24.27
C GLU A 71 -0.88 10.63 24.23
N GLN A 72 -0.99 11.30 23.08
CA GLN A 72 -0.44 12.65 22.98
C GLN A 72 -1.18 13.60 23.92
N LYS A 73 -2.51 13.48 23.98
CA LYS A 73 -3.29 14.30 24.91
C LYS A 73 -2.90 14.03 26.36
N SER A 74 -2.61 12.77 26.68
CA SER A 74 -2.22 12.42 28.05
C SER A 74 -0.89 13.06 28.44
N ASN A 75 -0.07 13.44 27.47
CA ASN A 75 1.22 14.06 27.75
C ASN A 75 1.20 15.58 27.66
N GLU A 76 0.01 16.18 27.53
CA GLU A 76 -0.12 17.62 27.64
C GLU A 76 0.12 18.06 29.08
N SER A 79 -2.72 17.43 32.12
CA SER A 79 -3.37 16.12 32.06
C SER A 79 -2.99 15.27 33.27
N GLU A 80 -3.94 14.45 33.74
CA GLU A 80 -3.69 13.58 34.88
C GLU A 80 -2.84 12.37 34.48
N GLU A 81 -1.98 11.95 35.38
CA GLU A 81 -1.21 10.72 35.18
C GLU A 81 -2.16 9.52 35.31
N LYS A 82 -2.33 8.77 34.23
CA LYS A 82 -3.20 7.61 34.22
C LYS A 82 -2.44 6.29 34.22
N GLY A 83 -1.12 6.33 34.31
CA GLY A 83 -0.32 5.12 34.32
C GLY A 83 0.17 4.76 32.94
N PRO A 84 0.75 3.55 32.83
CA PRO A 84 1.38 3.12 31.59
C PRO A 84 0.43 2.52 30.56
N GLU A 85 -0.86 2.43 30.86
CA GLU A 85 -1.76 1.62 30.03
C GLU A 85 -1.91 2.14 28.61
N VAL A 86 -2.03 3.45 28.43
CA VAL A 86 -2.24 3.97 27.08
C VAL A 86 -1.02 3.68 26.21
N ARG A 87 0.18 3.96 26.72
CA ARG A 87 1.41 3.64 26.00
C ARG A 87 1.51 2.15 25.73
N GLU A 88 1.26 1.32 26.75
CA GLU A 88 1.36 -0.12 26.57
C GLU A 88 0.44 -0.59 25.45
N TYR A 89 -0.80 -0.11 25.44
CA TYR A 89 -1.75 -0.61 24.45
C TYR A 89 -1.43 -0.06 23.06
N ARG A 90 -1.02 1.21 22.96
CA ARG A 90 -0.54 1.72 21.68
C ARG A 90 0.65 0.92 21.18
N GLU A 91 1.57 0.56 22.07
CA GLU A 91 2.71 -0.29 21.68
C GLU A 91 2.27 -1.66 21.22
N LYS A 92 1.27 -2.24 21.87
CA LYS A 92 0.77 -3.55 21.45
C LYS A 92 0.24 -3.50 20.04
N VAL A 93 -0.63 -2.52 19.76
CA VAL A 93 -1.17 -2.36 18.41
C VAL A 93 -0.05 -2.07 17.42
N GLU A 94 0.90 -1.22 17.80
CA GLU A 94 2.02 -0.89 16.93
C GLU A 94 2.83 -2.13 16.57
N THR A 95 3.11 -2.99 17.56
CA THR A 95 3.90 -4.18 17.31
C THR A 95 3.16 -5.13 16.37
N GLU A 96 1.85 -5.27 16.54
N GLU A 96 1.84 -5.24 16.52
CA GLU A 96 1.05 -6.09 15.65
CA GLU A 96 1.07 -6.10 15.63
C GLU A 96 1.08 -5.54 14.22
C GLU A 96 1.04 -5.55 14.22
N LEU A 97 0.93 -4.22 14.09
CA LEU A 97 1.01 -3.57 12.78
C LEU A 97 2.35 -3.83 12.12
N GLN A 98 3.44 -3.64 12.86
CA GLN A 98 4.77 -3.88 12.32
C GLN A 98 4.92 -5.34 11.89
N GLY A 99 4.33 -6.25 12.65
CA GLY A 99 4.38 -7.65 12.27
C GLY A 99 3.70 -7.92 10.93
N VAL A 100 2.55 -7.30 10.70
CA VAL A 100 1.88 -7.46 9.41
C VAL A 100 2.74 -6.88 8.29
N CYS A 101 3.32 -5.70 8.50
CA CYS A 101 4.19 -5.13 7.48
C CYS A 101 5.36 -6.04 7.19
N ASP A 102 5.99 -6.58 8.25
CA ASP A 102 7.11 -7.49 8.05
C ASP A 102 6.69 -8.75 7.31
N THR A 103 5.47 -9.25 7.57
CA THR A 103 4.96 -10.42 6.84
C THR A 103 4.83 -10.12 5.36
N VAL A 104 4.23 -8.97 5.01
CA VAL A 104 4.07 -8.64 3.59
C VAL A 104 5.43 -8.43 2.94
N LEU A 105 6.31 -7.68 3.60
CA LEU A 105 7.64 -7.45 3.05
C LEU A 105 8.38 -8.77 2.88
N GLY A 106 8.16 -9.72 3.79
CA GLY A 106 8.80 -11.01 3.66
C GLY A 106 8.31 -11.79 2.45
N LEU A 107 7.01 -11.72 2.16
CA LEU A 107 6.49 -12.38 0.97
C LEU A 107 7.06 -11.75 -0.29
N LEU A 108 7.19 -10.42 -0.29
CA LEU A 108 7.74 -9.74 -1.44
C LEU A 108 9.20 -10.13 -1.67
N ASP A 109 9.96 -10.27 -0.58
CA ASP A 109 11.37 -10.65 -0.69
C ASP A 109 11.59 -12.13 -0.92
N SER A 110 10.62 -12.97 -0.59
CA SER A 110 10.80 -14.42 -0.64
C SER A 110 9.50 -15.02 -1.17
N HIS A 111 9.30 -14.95 -2.49
CA HIS A 111 10.23 -14.52 -3.54
C HIS A 111 9.48 -13.79 -4.67
N LEU A 112 8.44 -13.02 -4.32
CA LEU A 112 7.58 -12.44 -5.35
C LEU A 112 8.34 -11.49 -6.28
N ILE A 113 9.12 -10.57 -5.72
CA ILE A 113 9.75 -9.56 -6.55
C ILE A 113 10.75 -10.17 -7.51
N LYS A 114 11.61 -11.08 -7.02
CA LYS A 114 12.68 -11.58 -7.87
C LYS A 114 12.17 -12.37 -9.06
N GLU A 115 10.96 -12.94 -8.98
N GLU A 115 10.97 -12.94 -8.98
CA GLU A 115 10.39 -13.71 -10.08
CA GLU A 115 10.42 -13.69 -10.11
C GLU A 115 9.53 -12.86 -11.00
C GLU A 115 9.53 -12.85 -11.02
N ALA A 116 9.27 -11.59 -10.65
CA ALA A 116 8.35 -10.73 -11.40
C ALA A 116 9.11 -9.99 -12.48
N GLY A 117 8.88 -10.39 -13.73
CA GLY A 117 9.59 -9.82 -14.87
C GLY A 117 8.75 -8.91 -15.74
N ASP A 118 7.45 -9.08 -15.76
CA ASP A 118 6.60 -8.19 -16.54
C ASP A 118 6.41 -6.88 -15.77
N ALA A 119 6.29 -5.78 -16.51
CA ALA A 119 6.18 -4.47 -15.87
C ALA A 119 5.00 -4.43 -14.90
N GLU A 120 3.85 -4.99 -15.29
CA GLU A 120 2.66 -4.88 -14.46
C GLU A 120 2.85 -5.57 -13.13
N SER A 121 3.52 -6.73 -13.11
CA SER A 121 3.71 -7.41 -11.84
C SER A 121 4.83 -6.76 -11.04
N ARG A 122 5.95 -6.44 -11.68
CA ARG A 122 7.09 -5.89 -10.96
C ARG A 122 6.75 -4.54 -10.34
N VAL A 123 6.13 -3.63 -11.10
CA VAL A 123 5.72 -2.34 -10.55
C VAL A 123 4.75 -2.52 -9.40
N PHE A 124 3.79 -3.44 -9.55
CA PHE A 124 2.82 -3.69 -8.49
C PHE A 124 3.51 -4.11 -7.19
N TYR A 125 4.47 -5.04 -7.28
CA TYR A 125 5.13 -5.53 -6.08
C TYR A 125 6.04 -4.47 -5.47
N LEU A 126 6.70 -3.67 -6.31
CA LEU A 126 7.56 -2.61 -5.78
C LEU A 126 6.73 -1.51 -5.13
N LYS A 127 5.58 -1.17 -5.71
CA LYS A 127 4.64 -0.27 -5.06
C LYS A 127 4.24 -0.81 -3.70
N MET A 128 3.91 -2.10 -3.62
N MET A 128 3.88 -2.10 -3.63
CA MET A 128 3.53 -2.69 -2.35
CA MET A 128 3.53 -2.72 -2.35
C MET A 128 4.68 -2.58 -1.34
C MET A 128 4.67 -2.58 -1.36
N LYS A 129 5.91 -2.84 -1.79
CA LYS A 129 7.05 -2.72 -0.91
C LYS A 129 7.18 -1.30 -0.38
N GLY A 130 7.02 -0.30 -1.26
CA GLY A 130 7.04 1.08 -0.80
C GLY A 130 5.94 1.37 0.21
N ASP A 131 4.73 0.87 -0.06
CA ASP A 131 3.61 1.10 0.84
C ASP A 131 3.88 0.54 2.24
N TYR A 132 4.40 -0.69 2.33
CA TYR A 132 4.55 -1.28 3.66
C TYR A 132 5.74 -0.68 4.41
N TYR A 133 6.80 -0.26 3.70
CA TYR A 133 7.79 0.57 4.37
C TYR A 133 7.21 1.91 4.80
N ARG A 134 6.29 2.48 4.00
CA ARG A 134 5.66 3.72 4.40
C ARG A 134 4.84 3.54 5.67
N TYR A 135 4.11 2.42 5.79
CA TYR A 135 3.35 2.18 7.01
C TYR A 135 4.28 1.97 8.21
N LEU A 136 5.41 1.31 8.02
CA LEU A 136 6.43 1.25 9.09
C LEU A 136 6.92 2.66 9.45
N ALA A 137 7.09 3.52 8.45
CA ALA A 137 7.57 4.89 8.70
C ALA A 137 6.55 5.70 9.49
N GLU A 138 5.26 5.43 9.30
CA GLU A 138 4.23 6.18 10.01
C GLU A 138 4.38 6.03 11.51
N VAL A 139 4.93 4.90 11.98
CA VAL A 139 5.04 4.63 13.42
C VAL A 139 6.47 4.67 13.92
N ALA A 140 7.44 4.88 13.04
CA ALA A 140 8.84 4.84 13.43
C ALA A 140 9.22 6.10 14.17
N THR A 141 9.93 5.94 15.29
CA THR A 141 10.40 7.07 16.08
C THR A 141 11.86 6.95 16.47
N GLY A 142 12.56 5.90 16.06
CA GLY A 142 13.91 5.63 16.53
C GLY A 142 15.02 5.81 15.53
N ASP A 143 16.13 5.11 15.75
CA ASP A 143 17.36 5.32 14.99
C ASP A 143 17.32 4.72 13.59
N ASP A 144 16.35 3.84 13.30
CA ASP A 144 16.20 3.29 11.96
C ASP A 144 15.18 4.03 11.12
N LYS A 145 14.58 5.11 11.64
CA LYS A 145 13.52 5.80 10.91
C LYS A 145 14.01 6.28 9.55
N LYS A 146 15.22 6.85 9.51
CA LYS A 146 15.73 7.32 8.23
C LYS A 146 15.91 6.18 7.24
N ARG A 147 16.40 5.03 7.71
CA ARG A 147 16.58 3.91 6.78
C ARG A 147 15.23 3.32 6.35
N ILE A 148 14.23 3.32 7.23
CA ILE A 148 12.90 2.86 6.83
C ILE A 148 12.32 3.76 5.76
N ILE A 149 12.46 5.09 5.95
CA ILE A 149 11.98 6.04 4.97
C ILE A 149 12.72 5.87 3.66
N ASP A 150 14.03 5.64 3.71
CA ASP A 150 14.77 5.47 2.46
C ASP A 150 14.40 4.18 1.76
N SER A 151 14.06 3.13 2.50
CA SER A 151 13.62 1.89 1.88
C SER A 151 12.31 2.10 1.13
N ALA A 152 11.38 2.85 1.72
CA ALA A 152 10.15 3.18 1.00
C ALA A 152 10.46 3.98 -0.27
N ARG A 153 11.28 5.02 -0.12
CA ARG A 153 11.61 5.88 -1.26
C ARG A 153 12.23 5.06 -2.38
N SER A 154 13.17 4.18 -2.03
CA SER A 154 13.89 3.41 -3.04
C SER A 154 12.96 2.46 -3.80
N ALA A 155 12.04 1.80 -3.09
CA ALA A 155 11.10 0.90 -3.75
C ALA A 155 10.16 1.69 -4.68
N TYR A 156 9.62 2.80 -4.18
CA TYR A 156 8.77 3.63 -5.02
C TYR A 156 9.52 4.15 -6.24
N GLN A 157 10.78 4.56 -6.04
CA GLN A 157 11.54 5.13 -7.16
C GLN A 157 11.79 4.09 -8.24
N GLU A 158 12.15 2.86 -7.85
CA GLU A 158 12.34 1.82 -8.86
C GLU A 158 11.03 1.53 -9.59
N ALA A 159 9.91 1.50 -8.86
CA ALA A 159 8.61 1.30 -9.48
C ALA A 159 8.28 2.42 -10.46
N MET A 160 8.57 3.67 -10.07
CA MET A 160 8.31 4.80 -10.93
C MET A 160 9.14 4.71 -12.20
N ASP A 161 10.42 4.35 -12.07
CA ASP A 161 11.29 4.30 -13.25
C ASP A 161 10.79 3.25 -14.25
N ILE A 162 10.39 2.08 -13.76
CA ILE A 162 9.85 1.06 -14.65
C ILE A 162 8.54 1.52 -15.25
N SER A 163 7.65 2.08 -14.44
CA SER A 163 6.32 2.45 -14.94
C SER A 163 6.42 3.53 -16.01
N LYS A 164 7.36 4.46 -15.87
CA LYS A 164 7.52 5.51 -16.88
C LYS A 164 8.01 4.93 -18.21
N LYS A 165 8.88 3.93 -18.14
CA LYS A 165 9.42 3.33 -19.36
C LYS A 165 8.45 2.36 -20.03
N GLU A 166 7.64 1.63 -19.26
CA GLU A 166 6.97 0.46 -19.77
C GLU A 166 5.45 0.54 -19.79
N MET A 167 4.85 1.54 -19.14
N MET A 167 4.86 1.59 -19.22
CA MET A 167 3.39 1.64 -19.03
CA MET A 167 3.41 1.61 -19.12
C MET A 167 2.90 2.98 -19.56
C MET A 167 2.88 2.97 -19.52
N PRO A 168 1.69 3.04 -20.10
CA PRO A 168 1.12 4.31 -20.51
C PRO A 168 0.76 5.17 -19.30
N PRO A 169 0.66 6.48 -19.47
CA PRO A 169 0.41 7.37 -18.32
C PRO A 169 -0.96 7.15 -17.70
N THR A 170 -1.87 6.48 -18.39
CA THR A 170 -3.20 6.18 -17.83
C THR A 170 -3.28 4.83 -17.14
N ASN A 171 -2.21 4.04 -17.15
CA ASN A 171 -2.28 2.70 -16.57
C ASN A 171 -2.65 2.80 -15.09
N PRO A 172 -3.65 2.04 -14.61
CA PRO A 172 -4.07 2.18 -13.21
C PRO A 172 -2.97 1.91 -12.19
N ILE A 173 -2.07 0.97 -12.46
N ILE A 173 -2.06 0.97 -12.47
CA ILE A 173 -0.97 0.72 -11.52
CA ILE A 173 -0.97 0.70 -11.54
C ILE A 173 -0.03 1.92 -11.48
C ILE A 173 -0.02 1.90 -11.49
N ARG A 174 0.34 2.44 -12.65
CA ARG A 174 1.16 3.65 -12.70
C ARG A 174 0.50 4.79 -11.93
N LEU A 175 -0.81 4.96 -12.10
CA LEU A 175 -1.51 6.05 -11.44
C LEU A 175 -1.57 5.84 -9.92
N GLY A 176 -1.90 4.62 -9.48
CA GLY A 176 -1.97 4.37 -8.05
C GLY A 176 -0.61 4.49 -7.38
N LEU A 177 0.44 4.03 -8.07
CA LEU A 177 1.80 4.22 -7.58
C LEU A 177 2.11 5.70 -7.39
N ALA A 178 1.79 6.52 -8.40
CA ALA A 178 2.11 7.95 -8.29
C ALA A 178 1.32 8.59 -7.16
N LEU A 179 0.05 8.21 -7.01
CA LEU A 179 -0.76 8.71 -5.89
C LEU A 179 -0.08 8.41 -4.56
N ASN A 180 0.36 7.16 -4.37
CA ASN A 180 0.93 6.77 -3.09
C ASN A 180 2.32 7.39 -2.88
N PHE A 181 3.12 7.49 -3.93
CA PHE A 181 4.44 8.12 -3.79
C PHE A 181 4.27 9.59 -3.47
N SER A 182 3.26 10.23 -4.05
N SER A 182 3.25 10.25 -4.03
CA SER A 182 2.97 11.62 -3.73
CA SER A 182 3.03 11.64 -3.67
C SER A 182 2.59 11.77 -2.25
C SER A 182 2.65 11.75 -2.20
N VAL A 183 1.81 10.85 -1.71
CA VAL A 183 1.47 10.87 -0.28
C VAL A 183 2.73 10.67 0.57
N PHE A 184 3.58 9.71 0.17
CA PHE A 184 4.88 9.55 0.80
C PHE A 184 5.64 10.87 0.88
N HIS A 185 5.76 11.58 -0.26
CA HIS A 185 6.47 12.84 -0.25
C HIS A 185 5.84 13.83 0.72
N TYR A 186 4.50 13.92 0.69
CA TYR A 186 3.81 14.95 1.45
C TYR A 186 3.96 14.73 2.95
N GLU A 187 3.71 13.50 3.41
CA GLU A 187 3.55 13.31 4.85
C GLU A 187 4.63 12.45 5.49
N ILE A 188 5.48 11.78 4.73
CA ILE A 188 6.61 11.02 5.30
C ILE A 188 7.92 11.75 5.09
N ALA A 189 8.18 12.24 3.87
CA ALA A 189 9.45 12.83 3.53
C ALA A 189 9.49 14.35 3.72
N ASN A 190 8.42 14.95 4.24
CA ASN A 190 8.40 16.40 4.47
C ASN A 190 8.70 17.18 3.19
N SER A 191 8.16 16.72 2.06
CA SER A 191 8.39 17.33 0.75
C SER A 191 7.05 17.63 0.08
N PRO A 192 6.27 18.56 0.64
CA PRO A 192 4.95 18.83 0.03
C PRO A 192 5.03 19.35 -1.40
N GLU A 193 6.05 20.15 -1.73
CA GLU A 193 6.17 20.62 -3.11
C GLU A 193 6.41 19.46 -4.08
N GLU A 194 7.23 18.49 -3.69
CA GLU A 194 7.42 17.32 -4.54
C GLU A 194 6.12 16.53 -4.69
N ALA A 195 5.37 16.41 -3.60
CA ALA A 195 4.09 15.71 -3.65
C ALA A 195 3.13 16.38 -4.61
N ILE A 196 3.04 17.70 -4.55
CA ILE A 196 2.13 18.45 -5.41
C ILE A 196 2.58 18.36 -6.87
N SER A 197 3.88 18.55 -7.12
N SER A 197 3.88 18.53 -7.12
CA SER A 197 4.39 18.44 -8.48
CA SER A 197 4.38 18.44 -8.49
C SER A 197 4.10 17.07 -9.06
C SER A 197 4.14 17.06 -9.07
N LEU A 198 4.36 16.00 -8.29
CA LEU A 198 4.12 14.66 -8.81
C LEU A 198 2.64 14.44 -9.09
N ALA A 199 1.76 14.87 -8.20
CA ALA A 199 0.33 14.66 -8.43
C ALA A 199 -0.14 15.43 -9.66
N LYS A 200 0.33 16.68 -9.84
CA LYS A 200 -0.11 17.49 -10.97
C LYS A 200 0.41 16.94 -12.29
N THR A 201 1.70 16.59 -12.35
CA THR A 201 2.25 16.05 -13.57
C THR A 201 1.59 14.73 -13.95
N THR A 202 1.36 13.86 -12.95
CA THR A 202 0.70 12.58 -13.20
C THR A 202 -0.70 12.81 -13.76
N PHE A 203 -1.46 13.71 -13.13
CA PHE A 203 -2.82 14.00 -13.59
C PHE A 203 -2.81 14.52 -15.02
N ASP A 204 -1.95 15.49 -15.32
CA ASP A 204 -1.95 16.12 -16.63
C ASP A 204 -1.51 15.16 -17.72
N GLU A 205 -0.52 14.32 -17.44
CA GLU A 205 -0.11 13.35 -18.45
C GLU A 205 -1.15 12.28 -18.67
N ALA A 206 -1.88 11.88 -17.63
CA ALA A 206 -2.98 10.96 -17.85
C ALA A 206 -4.09 11.60 -18.67
N MET A 207 -4.45 12.84 -18.35
N MET A 207 -4.45 12.85 -18.36
CA MET A 207 -5.49 13.55 -19.08
CA MET A 207 -5.48 13.56 -19.11
C MET A 207 -5.21 13.55 -20.59
C MET A 207 -5.20 13.49 -20.60
N ALA A 208 -3.96 13.77 -20.97
CA ALA A 208 -3.58 13.84 -22.37
C ALA A 208 -3.62 12.49 -23.08
N ASP A 209 -3.70 11.38 -22.35
CA ASP A 209 -3.66 10.06 -22.95
C ASP A 209 -5.04 9.39 -22.89
N LEU A 210 -6.04 10.03 -22.27
CA LEU A 210 -7.38 9.43 -22.16
C LEU A 210 -8.00 9.16 -23.53
N HIS A 211 -7.67 9.95 -24.55
CA HIS A 211 -8.27 9.81 -25.86
C HIS A 211 -7.99 8.45 -26.49
N THR A 212 -6.97 7.73 -25.99
CA THR A 212 -6.58 6.44 -26.55
C THR A 212 -7.39 5.28 -26.00
N LEU A 213 -8.23 5.52 -24.99
CA LEU A 213 -8.79 4.46 -24.17
C LEU A 213 -10.22 4.12 -24.57
N SER A 214 -10.59 2.87 -24.31
CA SER A 214 -11.99 2.45 -24.35
C SER A 214 -12.78 3.11 -23.22
N GLU A 215 -14.10 2.98 -23.31
CA GLU A 215 -14.96 3.53 -22.25
C GLU A 215 -14.62 2.93 -20.90
N ASP A 216 -14.39 1.61 -20.84
CA ASP A 216 -14.13 0.98 -19.55
C ASP A 216 -12.77 1.38 -18.99
N SER A 217 -11.74 1.45 -19.85
CA SER A 217 -10.43 1.89 -19.38
C SER A 217 -10.48 3.35 -18.95
N TYR A 218 -11.25 4.17 -19.67
CA TYR A 218 -11.42 5.57 -19.29
C TYR A 218 -12.01 5.68 -17.89
N LYS A 219 -13.00 4.87 -17.57
CA LYS A 219 -13.56 4.89 -16.23
C LYS A 219 -12.53 4.49 -15.18
N ASP A 220 -11.72 3.46 -15.48
CA ASP A 220 -10.70 3.02 -14.53
C ASP A 220 -9.70 4.14 -14.25
N SER A 221 -9.22 4.79 -15.31
CA SER A 221 -8.18 5.78 -15.14
C SER A 221 -8.71 7.06 -14.49
N THR A 222 -9.88 7.53 -14.92
CA THR A 222 -10.42 8.76 -14.36
C THR A 222 -10.77 8.62 -12.88
N LEU A 223 -11.12 7.41 -12.43
CA LEU A 223 -11.38 7.20 -11.01
C LEU A 223 -10.14 7.54 -10.17
N ILE A 224 -8.97 7.07 -10.61
CA ILE A 224 -7.74 7.35 -9.85
C ILE A 224 -7.31 8.80 -10.03
N MET A 225 -7.51 9.35 -11.22
CA MET A 225 -7.20 10.76 -11.46
C MET A 225 -7.97 11.64 -10.48
N GLN A 226 -9.20 11.25 -10.14
CA GLN A 226 -9.97 12.02 -9.19
C GLN A 226 -9.34 12.00 -7.81
N LEU A 227 -8.73 10.88 -7.41
CA LEU A 227 -8.01 10.85 -6.14
C LEU A 227 -6.83 11.81 -6.14
N LEU A 228 -6.09 11.87 -7.25
CA LEU A 228 -5.02 12.86 -7.37
C LEU A 228 -5.56 14.28 -7.24
N ARG A 229 -6.69 14.55 -7.92
CA ARG A 229 -7.32 15.87 -7.81
C ARG A 229 -7.77 16.15 -6.39
N ASP A 230 -8.33 15.15 -5.71
CA ASP A 230 -8.74 15.35 -4.32
C ASP A 230 -7.56 15.81 -3.47
N ASN A 231 -6.41 15.18 -3.64
CA ASN A 231 -5.24 15.56 -2.87
C ASN A 231 -4.74 16.95 -3.25
N LEU A 232 -4.70 17.26 -4.54
CA LEU A 232 -4.30 18.61 -4.96
C LEU A 232 -5.20 19.67 -4.37
N THR A 233 -6.51 19.40 -4.31
CA THR A 233 -7.43 20.37 -3.73
C THR A 233 -7.21 20.53 -2.23
N LEU A 234 -6.90 19.43 -1.55
CA LEU A 234 -6.62 19.50 -0.12
C LEU A 234 -5.32 20.24 0.17
N TRP A 235 -4.32 20.08 -0.70
CA TRP A 235 -2.96 20.52 -0.43
C TRP A 235 -2.66 21.92 -0.97
N THR A 236 -3.54 22.48 -1.80
CA THR A 236 -3.31 23.78 -2.40
C THR A 236 -4.48 24.74 -2.14
N ARG B 2 -10.95 16.26 6.38
CA ARG B 2 -10.76 15.52 5.14
C ARG B 2 -9.37 14.90 5.06
N ARG B 3 -9.31 13.57 5.10
CA ARG B 3 -8.05 12.85 5.03
C ARG B 3 -7.62 12.66 3.58
N ARG B 4 -6.33 12.89 3.32
CA ARG B 4 -5.79 12.70 1.97
C ARG B 4 -6.02 11.26 1.50
N LYS B 5 -6.10 11.11 0.18
CA LYS B 5 -6.36 9.81 -0.41
C LYS B 5 -5.07 9.06 -0.71
N SEP B 6 -5.03 7.78 -0.36
CA SEP B 6 -4.06 6.87 -0.97
CB SEP B 6 -3.09 6.27 0.06
OG SEP B 6 -3.81 5.51 1.02
C SEP B 6 -4.84 5.80 -1.74
O SEP B 6 -6.07 5.81 -1.74
P SEP B 6 -2.96 4.74 2.14
O1P SEP B 6 -4.05 3.99 2.99
O2P SEP B 6 -1.97 3.74 1.45
O3P SEP B 6 -2.17 5.79 3.00
N CYS B 7 -4.13 4.91 -2.41
CA CYS B 7 -4.75 4.00 -3.34
C CYS B 7 -5.43 2.84 -2.60
N GLN B 8 -6.76 2.85 -2.56
CA GLN B 8 -7.50 1.85 -1.78
C GLN B 8 -8.61 1.22 -2.61
N ALA B 9 -9.86 1.56 -2.30
CA ALA B 9 -11.04 1.07 -3.01
C ALA B 9 -12.29 1.77 -2.46
N NH2 B 10 -13.45 1.34 -2.94
MG MG C . 3.80 -1.58 -21.94
CL CL D . -1.60 -3.99 26.26
MG MG E . -1.48 -28.93 -5.53
MG MG F . 8.51 -14.47 -13.96
C1 QL9 G . -9.12 1.88 -8.29
C10 QL9 G . -4.23 -1.06 -6.85
C11 QL9 G . -5.50 -0.66 -7.23
C2 QL9 G . -7.49 1.75 -6.41
C3 QL9 G . -7.18 3.21 -6.17
C4 QL9 G . -6.99 0.82 -8.68
C5 QL9 G . -5.65 0.33 -8.20
C6 QL9 G . -4.52 0.87 -8.79
C7 QL9 G . -3.25 0.48 -8.40
C8 QL9 G . -3.09 -0.51 -7.42
C9 QL9 G . -1.73 -0.94 -7.02
N1 QL9 G . -7.82 1.44 -7.81
O1 QL9 G . -7.29 0.68 -9.86
S1 QL9 G . -5.54 3.69 -6.77
BR1 QL9 G . -4.07 -2.40 -5.51
#